data_5UXM
#
_entry.id   5UXM
#
_cell.length_a   81.680
_cell.length_b   100.370
_cell.length_c   115.600
_cell.angle_alpha   90.00
_cell.angle_beta   90.00
_cell.angle_gamma   90.00
#
_symmetry.space_group_name_H-M   'I 2 2 2'
#
loop_
_entity.id
_entity.type
_entity.pdbx_description
1 polymer 'Phospho-2-dehydro-3-deoxyheptonate aldolase'
2 non-polymer PHOSPHOENOLPYRUVATE
3 non-polymer TRYPTOPHAN
4 non-polymer 'PHOSPHATE ION'
5 non-polymer 'COBALT (II) ION'
6 non-polymer 'CHLORIDE ION'
7 water water
#
_entity_poly.entity_id   1
_entity_poly.type   'polypeptide(L)'
_entity_poly.pdbx_seq_one_letter_code
;GSGSGASQSWSPESWRAKPIQQQPEYPDAAHLARVEQTLAGYPPLVFAGEARELRRQFAEVTAGRAFLLQGGDCAESFAE
FSAAKIRDTFKVLLQMAVVMTFAAGCPVVKVGRMAGQFAKPRSSGDETQNGVTLPAYRGDIVNGIGFDEKSRVPDPERLL
QAYHQSTASLNLLRAFAQGGFADLHQVHRWNLDFIANSALAERYQQLADRIDETLAFMRACGLDSAPQLRETSFFTAHEA
LLLNYEEALTRRDSLTGEWYDCSAHMLWIGDRTRQIDGAHVEMLRGVGNPIGVKVGPSMDSEELIRLIDILNPDNDPGRL
NLIVRMGADKVGDHLPRLIQAIQREGRQVLWSSDPMHGNTIKASSGYKTRDFARVLAEVRQFFEVHQAEGSYAGGIHIEM
TGQNVTECIGGSRPITEDGLSDRYHTHCDPRLNADQSLELAFLIAETLKQVRR
;
_entity_poly.pdbx_strand_id   A
#
loop_
_chem_comp.id
_chem_comp.type
_chem_comp.name
_chem_comp.formula
CL non-polymer 'CHLORIDE ION' 'Cl -1'
CO non-polymer 'COBALT (II) ION' 'Co 2'
PEP non-polymer PHOSPHOENOLPYRUVATE 'C3 H5 O6 P'
PO4 non-polymer 'PHOSPHATE ION' 'O4 P -3'
#
# COMPACT_ATOMS: atom_id res chain seq x y z
N SER A 9 -4.79 12.22 26.63
CA SER A 9 -5.72 12.84 25.64
C SER A 9 -4.99 13.10 24.33
N TRP A 10 -5.76 13.24 23.26
CA TRP A 10 -5.20 13.26 21.91
C TRP A 10 -5.65 14.52 21.18
N SER A 11 -4.79 15.04 20.33
CA SER A 11 -5.10 16.10 19.39
C SER A 11 -4.32 15.84 18.14
N PRO A 12 -4.68 16.51 17.03
CA PRO A 12 -3.89 16.32 15.82
C PRO A 12 -2.44 16.77 15.94
N GLU A 13 -2.11 17.61 16.93
CA GLU A 13 -0.76 18.04 17.15
C GLU A 13 -0.04 17.36 18.33
N SER A 14 -0.67 16.37 18.98
CA SER A 14 -0.07 15.74 20.16
C SER A 14 1.19 14.94 19.84
N TRP A 15 1.32 14.48 18.60
CA TRP A 15 2.56 13.85 18.14
C TRP A 15 3.84 14.70 18.33
N ARG A 16 3.70 16.02 18.30
CA ARG A 16 4.83 16.91 18.40
C ARG A 16 5.52 16.89 19.76
N ALA A 17 4.86 16.35 20.78
CA ALA A 17 5.50 16.21 22.09
C ALA A 17 6.32 14.93 22.24
N LYS A 18 6.22 14.00 21.29
CA LYS A 18 6.86 12.70 21.41
C LYS A 18 8.21 12.64 20.71
N PRO A 19 9.08 11.69 21.11
CA PRO A 19 10.28 11.44 20.33
C PRO A 19 9.89 10.94 18.94
N ILE A 20 10.66 11.33 17.93
CA ILE A 20 10.30 11.07 16.53
C ILE A 20 11.51 10.70 15.70
N GLN A 21 11.32 9.76 14.79
CA GLN A 21 12.37 9.37 13.86
C GLN A 21 11.99 9.81 12.47
N GLN A 22 12.99 9.82 11.59
CA GLN A 22 12.80 9.98 10.14
C GLN A 22 12.23 11.34 9.73
N GLN A 23 12.39 12.38 10.57
CA GLN A 23 11.85 13.68 10.14
C GLN A 23 12.93 14.56 9.51
N PRO A 24 12.52 15.38 8.52
CA PRO A 24 13.48 16.34 7.95
C PRO A 24 13.79 17.48 8.88
N GLU A 25 14.91 18.15 8.63
CA GLU A 25 15.27 19.38 9.31
C GLU A 25 14.97 20.57 8.40
N TYR A 26 13.85 21.24 8.64
CA TYR A 26 13.46 22.39 7.81
C TYR A 26 14.31 23.61 8.24
N PRO A 27 14.74 24.42 7.27
CA PRO A 27 15.61 25.58 7.58
C PRO A 27 14.88 26.79 8.17
N ASP A 28 13.58 26.89 8.00
CA ASP A 28 12.78 28.04 8.46
C ASP A 28 11.46 27.57 9.05
N ALA A 29 11.38 27.58 10.37
CA ALA A 29 10.22 27.03 11.09
C ALA A 29 8.95 27.78 10.78
N ALA A 30 9.07 29.10 10.68
CA ALA A 30 7.93 29.96 10.39
C ALA A 30 7.37 29.72 8.98
N HIS A 31 8.27 29.58 8.01
CA HIS A 31 7.85 29.24 6.65
C HIS A 31 7.09 27.89 6.64
N LEU A 32 7.65 26.90 7.30
CA LEU A 32 6.97 25.59 7.43
C LEU A 32 5.56 25.78 8.00
N ALA A 33 5.44 26.52 9.10
CA ALA A 33 4.15 26.75 9.72
C ALA A 33 3.17 27.46 8.78
N ARG A 34 3.64 28.42 7.99
CA ARG A 34 2.74 29.06 7.01
C ARG A 34 2.18 28.07 6.00
N VAL A 35 3.02 27.19 5.48
CA VAL A 35 2.57 26.20 4.50
C VAL A 35 1.58 25.24 5.16
N GLU A 36 1.89 24.80 6.38
CA GLU A 36 0.96 23.95 7.14
CA GLU A 36 0.96 23.94 7.14
C GLU A 36 -0.41 24.60 7.29
N GLN A 37 -0.47 25.89 7.57
CA GLN A 37 -1.78 26.58 7.67
C GLN A 37 -2.52 26.68 6.36
N THR A 38 -1.79 26.91 5.28
CA THR A 38 -2.39 26.87 3.96
C THR A 38 -3.03 25.51 3.70
N LEU A 39 -2.25 24.45 3.90
CA LEU A 39 -2.76 23.09 3.70
C LEU A 39 -3.98 22.77 4.58
N ALA A 40 -3.96 23.24 5.81
CA ALA A 40 -5.02 22.99 6.78
C ALA A 40 -6.37 23.55 6.30
N GLY A 41 -6.32 24.58 5.46
CA GLY A 41 -7.49 25.16 4.84
C GLY A 41 -7.96 24.58 3.52
N TYR A 42 -7.18 23.65 2.96
CA TYR A 42 -7.52 23.00 1.69
C TYR A 42 -8.46 21.82 1.93
N PRO A 43 -9.29 21.47 0.93
CA PRO A 43 -10.21 20.34 1.11
C PRO A 43 -9.49 19.00 1.37
N PRO A 44 -10.13 18.12 2.12
CA PRO A 44 -9.54 16.79 2.38
C PRO A 44 -9.56 15.94 1.11
N LEU A 45 -8.73 14.89 1.07
CA LEU A 45 -8.70 13.94 -0.05
C LEU A 45 -9.85 12.97 0.07
N VAL A 46 -10.20 12.58 1.30
CA VAL A 46 -11.28 11.64 1.56
C VAL A 46 -12.28 12.17 2.58
N PHE A 47 -13.45 11.55 2.57
CA PHE A 47 -14.62 11.84 3.40
C PHE A 47 -14.56 10.80 4.56
N ALA A 48 -14.80 11.20 5.80
CA ALA A 48 -14.72 10.26 6.94
C ALA A 48 -15.59 9.00 6.78
N GLY A 49 -16.79 9.17 6.23
CA GLY A 49 -17.67 8.07 5.91
C GLY A 49 -17.04 7.00 5.05
N GLU A 50 -16.18 7.42 4.11
N GLU A 50 -16.20 7.42 4.11
CA GLU A 50 -15.43 6.46 3.31
CA GLU A 50 -15.44 6.45 3.29
C GLU A 50 -14.45 5.64 4.13
C GLU A 50 -14.43 5.65 4.09
N ALA A 51 -13.77 6.29 5.06
CA ALA A 51 -12.82 5.59 5.92
C ALA A 51 -13.57 4.55 6.79
N ARG A 52 -14.75 4.93 7.26
CA ARG A 52 -15.62 3.99 7.94
C ARG A 52 -16.02 2.81 7.10
N GLU A 53 -16.30 3.04 5.83
CA GLU A 53 -16.65 1.97 4.91
C GLU A 53 -15.45 1.04 4.71
N LEU A 54 -14.26 1.58 4.57
CA LEU A 54 -13.08 0.71 4.50
C LEU A 54 -12.88 -0.12 5.79
N ARG A 55 -13.14 0.47 6.95
CA ARG A 55 -13.12 -0.30 8.20
C ARG A 55 -14.10 -1.45 8.18
N ARG A 56 -15.29 -1.20 7.67
CA ARG A 56 -16.31 -2.25 7.51
C ARG A 56 -15.80 -3.38 6.61
N GLN A 57 -15.13 -3.03 5.53
CA GLN A 57 -14.57 -4.03 4.64
C GLN A 57 -13.38 -4.76 5.27
N PHE A 58 -12.53 -4.04 6.00
CA PHE A 58 -11.43 -4.67 6.75
C PHE A 58 -11.99 -5.74 7.72
N ALA A 59 -13.11 -5.43 8.37
CA ALA A 59 -13.74 -6.41 9.26
C ALA A 59 -14.16 -7.69 8.54
N GLU A 60 -14.61 -7.56 7.29
CA GLU A 60 -14.92 -8.75 6.46
C GLU A 60 -13.66 -9.58 6.21
N VAL A 61 -12.56 -8.93 5.88
CA VAL A 61 -11.28 -9.63 5.71
C VAL A 61 -10.86 -10.33 7.00
N THR A 62 -10.88 -9.60 8.10
CA THR A 62 -10.44 -10.13 9.38
C THR A 62 -11.23 -11.40 9.76
N ALA A 63 -12.51 -11.41 9.42
CA ALA A 63 -13.41 -12.55 9.66
C ALA A 63 -13.25 -13.69 8.67
N GLY A 64 -12.37 -13.55 7.69
CA GLY A 64 -12.16 -14.58 6.70
C GLY A 64 -13.14 -14.60 5.53
N ARG A 65 -13.89 -13.51 5.34
CA ARG A 65 -14.92 -13.43 4.32
C ARG A 65 -14.53 -12.56 3.12
N ALA A 66 -13.28 -12.07 3.11
CA ALA A 66 -12.76 -11.25 2.00
C ALA A 66 -11.23 -11.28 2.06
N PHE A 67 -10.57 -10.66 1.07
CA PHE A 67 -9.13 -10.59 0.97
C PHE A 67 -8.71 -9.17 0.58
N LEU A 68 -7.64 -8.68 1.21
CA LEU A 68 -7.14 -7.31 1.03
C LEU A 68 -6.01 -7.31 -0.01
N LEU A 69 -6.22 -6.57 -1.09
CA LEU A 69 -5.20 -6.30 -2.07
C LEU A 69 -4.74 -4.84 -1.93
N GLN A 70 -3.47 -4.66 -1.55
CA GLN A 70 -2.90 -3.32 -1.42
C GLN A 70 -1.70 -3.26 -2.33
N GLY A 71 -1.68 -2.32 -3.24
CA GLY A 71 -0.58 -2.24 -4.19
C GLY A 71 -0.40 -0.86 -4.77
N GLY A 72 0.82 -0.53 -5.15
CA GLY A 72 1.06 0.72 -5.89
C GLY A 72 2.50 1.10 -5.83
N ASP A 73 2.76 2.40 -6.00
N ASP A 73 2.77 2.40 -5.72
CA ASP A 73 4.12 2.88 -6.15
CA ASP A 73 4.14 2.92 -5.85
C ASP A 73 4.83 2.74 -4.83
C ASP A 73 5.07 2.65 -4.68
N CYS A 74 6.17 2.57 -4.97
N CYS A 74 6.40 2.51 -4.91
CA CYS A 74 7.16 2.65 -3.88
CA CYS A 74 7.35 2.64 -3.81
C CYS A 74 7.17 4.05 -3.30
C CYS A 74 7.28 4.07 -3.26
N ALA A 75 7.42 5.02 -4.17
CA ALA A 75 7.29 6.43 -3.84
C ALA A 75 6.93 7.16 -5.10
N GLU A 76 5.83 7.89 -5.05
CA GLU A 76 5.38 8.69 -6.17
C GLU A 76 6.31 9.86 -6.34
N SER A 77 6.42 10.37 -7.55
CA SER A 77 7.33 11.48 -7.84
C SER A 77 6.67 12.55 -8.68
N PHE A 78 7.12 13.79 -8.50
CA PHE A 78 6.59 14.92 -9.23
C PHE A 78 6.92 14.84 -10.72
N ALA A 79 8.05 14.22 -11.09
CA ALA A 79 8.45 14.10 -12.48
C ALA A 79 7.64 13.03 -13.24
N GLU A 80 6.91 12.19 -12.51
CA GLU A 80 6.03 11.18 -13.13
C GLU A 80 4.61 11.38 -12.62
N PHE A 81 4.01 12.43 -13.13
CA PHE A 81 2.69 12.83 -12.73
C PHE A 81 1.92 12.75 -14.03
N SER A 82 1.46 11.37 -14.46
CA SER A 82 0.66 11.34 -15.66
C SER A 82 -0.59 10.51 -15.49
N ALA A 83 -1.49 10.83 -16.23
CA ALA A 83 -2.69 10.00 -16.32
C ALA A 83 -2.37 8.57 -16.76
N ALA A 84 -1.45 8.43 -17.71
CA ALA A 84 -1.14 7.09 -18.21
C ALA A 84 -0.52 6.22 -17.12
N LYS A 85 0.37 6.78 -16.31
CA LYS A 85 1.02 6.01 -15.26
C LYS A 85 -0.01 5.56 -14.23
N ILE A 86 -0.93 6.47 -13.88
CA ILE A 86 -1.98 6.21 -12.87
C ILE A 86 -2.90 5.12 -13.40
N ARG A 87 -3.36 5.30 -14.63
CA ARG A 87 -4.24 4.32 -15.28
C ARG A 87 -3.64 2.94 -15.34
N ASP A 88 -2.37 2.86 -15.74
CA ASP A 88 -1.77 1.53 -15.98
C ASP A 88 -1.50 0.75 -14.69
N THR A 89 -1.13 1.44 -13.64
CA THR A 89 -1.04 0.82 -12.32
C THR A 89 -2.43 0.38 -11.83
N PHE A 90 -3.45 1.19 -12.04
CA PHE A 90 -4.82 0.82 -11.72
C PHE A 90 -5.28 -0.43 -12.48
N LYS A 91 -4.94 -0.51 -13.77
CA LYS A 91 -5.23 -1.72 -14.56
C LYS A 91 -4.66 -2.99 -13.91
N VAL A 92 -3.41 -2.93 -13.46
CA VAL A 92 -2.79 -4.09 -12.83
C VAL A 92 -3.56 -4.50 -11.56
N LEU A 93 -3.97 -3.51 -10.77
N LEU A 93 -3.96 -3.52 -10.75
CA LEU A 93 -4.71 -3.77 -9.55
CA LEU A 93 -4.72 -3.82 -9.55
C LEU A 93 -6.06 -4.42 -9.90
C LEU A 93 -6.08 -4.43 -9.88
N LEU A 94 -6.74 -3.90 -10.91
CA LEU A 94 -8.01 -4.51 -11.36
C LEU A 94 -7.83 -5.94 -11.85
N GLN A 95 -6.78 -6.17 -12.62
N GLN A 95 -6.77 -6.16 -12.65
CA GLN A 95 -6.51 -7.50 -13.13
CA GLN A 95 -6.42 -7.50 -13.14
C GLN A 95 -6.26 -8.49 -11.99
C GLN A 95 -6.27 -8.48 -11.99
N MET A 96 -5.42 -8.09 -11.03
CA MET A 96 -5.17 -8.94 -9.86
C MET A 96 -6.49 -9.20 -9.11
N ALA A 97 -7.26 -8.14 -8.91
CA ALA A 97 -8.50 -8.28 -8.13
C ALA A 97 -9.50 -9.20 -8.78
N VAL A 98 -9.68 -9.07 -10.08
CA VAL A 98 -10.66 -9.89 -10.78
C VAL A 98 -10.25 -11.37 -10.86
N VAL A 99 -8.95 -11.63 -11.02
CA VAL A 99 -8.41 -12.97 -10.92
C VAL A 99 -8.76 -13.62 -9.58
N MET A 100 -8.49 -12.94 -8.48
CA MET A 100 -8.75 -13.49 -7.17
C MET A 100 -10.28 -13.60 -6.91
N THR A 101 -11.05 -12.62 -7.35
CA THR A 101 -12.50 -12.60 -7.12
C THR A 101 -13.16 -13.76 -7.87
N PHE A 102 -12.79 -13.96 -9.13
CA PHE A 102 -13.45 -14.97 -9.98
C PHE A 102 -12.92 -16.36 -9.69
N ALA A 103 -11.60 -16.52 -9.62
CA ALA A 103 -11.03 -17.85 -9.45
C ALA A 103 -11.23 -18.41 -8.05
N ALA A 104 -11.29 -17.54 -7.04
CA ALA A 104 -11.46 -17.96 -5.64
C ALA A 104 -12.85 -17.72 -5.08
N GLY A 105 -13.72 -17.01 -5.82
CA GLY A 105 -15.04 -16.65 -5.32
C GLY A 105 -14.98 -15.81 -4.06
N CYS A 106 -13.97 -14.95 -3.96
CA CYS A 106 -13.66 -14.22 -2.75
C CYS A 106 -13.72 -12.69 -3.02
N PRO A 107 -14.51 -11.92 -2.24
CA PRO A 107 -14.48 -10.45 -2.39
C PRO A 107 -13.08 -9.93 -2.11
N VAL A 108 -12.66 -8.94 -2.90
CA VAL A 108 -11.34 -8.35 -2.76
C VAL A 108 -11.51 -6.87 -2.45
N VAL A 109 -10.83 -6.45 -1.38
CA VAL A 109 -10.84 -5.04 -0.95
C VAL A 109 -9.62 -4.42 -1.62
N LYS A 110 -9.85 -3.47 -2.52
CA LYS A 110 -8.80 -2.85 -3.33
C LYS A 110 -8.30 -1.51 -2.80
N VAL A 111 -7.04 -1.48 -2.41
CA VAL A 111 -6.45 -0.30 -1.81
C VAL A 111 -5.16 0.01 -2.56
N GLY A 112 -5.07 1.20 -3.14
CA GLY A 112 -3.86 1.63 -3.83
C GLY A 112 -2.89 2.43 -2.98
N ARG A 113 -1.59 2.10 -3.06
CA ARG A 113 -0.51 2.95 -2.56
C ARG A 113 -0.33 4.05 -3.59
N MET A 114 -1.22 5.04 -3.53
N MET A 114 -1.19 5.05 -3.50
CA MET A 114 -1.40 6.03 -4.60
CA MET A 114 -1.36 6.04 -4.58
C MET A 114 -1.96 7.30 -3.97
C MET A 114 -1.95 7.30 -3.97
N ALA A 115 -1.85 8.40 -4.69
CA ALA A 115 -2.43 9.66 -4.26
C ALA A 115 -1.95 10.11 -2.87
N GLY A 116 -0.66 9.94 -2.64
CA GLY A 116 -0.08 10.39 -1.41
C GLY A 116 1.13 9.66 -0.86
N GLN A 117 1.58 8.65 -1.57
CA GLN A 117 2.74 7.84 -1.14
C GLN A 117 4.03 8.51 -1.62
N PHE A 118 4.38 9.62 -0.98
CA PHE A 118 5.53 10.43 -1.39
C PHE A 118 6.73 10.30 -0.43
N ALA A 119 6.48 10.35 0.87
CA ALA A 119 7.55 10.39 1.88
C ALA A 119 8.18 8.99 2.00
N LYS A 120 9.51 8.94 2.09
CA LYS A 120 10.26 7.68 2.14
C LYS A 120 11.14 7.66 3.41
N PRO A 121 11.08 6.57 4.19
CA PRO A 121 12.00 6.44 5.31
C PRO A 121 13.35 5.97 4.80
N ARG A 122 14.44 6.41 5.44
CA ARG A 122 15.79 6.12 4.97
C ARG A 122 16.61 5.50 6.08
N SER A 123 17.54 4.63 5.68
N SER A 123 17.55 4.63 5.69
CA SER A 123 18.46 3.97 6.62
CA SER A 123 18.43 3.98 6.67
C SER A 123 19.40 4.99 7.24
C SER A 123 19.52 4.90 7.19
N SER A 124 19.84 5.95 6.43
CA SER A 124 20.73 7.01 6.89
C SER A 124 20.12 8.38 6.65
N GLY A 125 20.34 9.30 7.59
CA GLY A 125 19.92 10.68 7.46
C GLY A 125 20.74 11.54 6.51
N ASP A 126 21.85 11.02 6.02
CA ASP A 126 22.66 11.74 5.05
C ASP A 126 23.19 10.82 3.97
N GLU A 127 23.81 11.42 2.97
CA GLU A 127 24.38 10.68 1.85
C GLU A 127 25.68 11.39 1.47
N THR A 128 26.71 10.58 1.20
CA THR A 128 28.05 11.10 0.90
C THR A 128 28.47 10.59 -0.48
N GLN A 129 28.90 11.51 -1.34
CA GLN A 129 29.50 11.17 -2.65
C GLN A 129 30.80 11.95 -2.79
N ASN A 130 31.93 11.23 -2.86
CA ASN A 130 33.24 11.83 -3.15
C ASN A 130 33.52 13.07 -2.30
N GLY A 131 33.47 12.88 -0.97
CA GLY A 131 33.81 13.92 -0.01
C GLY A 131 32.77 14.96 0.33
N VAL A 132 31.59 14.88 -0.29
CA VAL A 132 30.50 15.86 -0.08
C VAL A 132 29.38 15.12 0.63
N THR A 133 28.90 15.67 1.75
CA THR A 133 27.80 15.05 2.50
C THR A 133 26.60 15.98 2.50
N LEU A 134 25.44 15.44 2.10
CA LEU A 134 24.21 16.20 2.02
C LEU A 134 23.10 15.44 2.78
N PRO A 135 22.04 16.17 3.18
CA PRO A 135 20.87 15.47 3.73
C PRO A 135 20.31 14.40 2.76
N ALA A 136 19.79 13.33 3.32
CA ALA A 136 19.24 12.22 2.54
C ALA A 136 18.00 12.73 1.79
N TYR A 137 17.79 12.17 0.61
CA TYR A 137 16.52 12.34 -0.14
C TYR A 137 15.44 11.60 0.64
N ARG A 138 14.33 12.28 0.96
CA ARG A 138 13.25 11.69 1.78
C ARG A 138 11.93 11.64 1.01
N GLY A 139 12.00 11.68 -0.32
CA GLY A 139 10.82 11.74 -1.16
C GLY A 139 10.50 13.17 -1.55
N ASP A 140 9.79 13.32 -2.68
CA ASP A 140 9.52 14.62 -3.28
C ASP A 140 8.72 15.59 -2.43
N ILE A 141 7.90 15.05 -1.52
CA ILE A 141 7.19 15.85 -0.54
C ILE A 141 8.10 16.60 0.45
N VAL A 142 9.35 16.13 0.61
CA VAL A 142 10.35 16.79 1.45
C VAL A 142 11.41 17.55 0.66
N ASN A 143 12.06 16.87 -0.27
CA ASN A 143 13.19 17.44 -0.99
C ASN A 143 13.38 16.73 -2.33
N GLY A 144 14.48 17.03 -3.02
CA GLY A 144 14.68 16.52 -4.36
C GLY A 144 15.74 15.45 -4.44
N ILE A 145 15.64 14.63 -5.47
CA ILE A 145 16.53 13.50 -5.61
C ILE A 145 17.95 13.90 -6.02
N GLY A 146 18.11 15.07 -6.62
CA GLY A 146 19.42 15.53 -7.10
C GLY A 146 20.40 15.61 -5.94
N PHE A 147 21.64 15.19 -6.17
CA PHE A 147 22.66 15.30 -5.13
C PHE A 147 23.33 16.68 -5.19
N ASP A 148 22.66 17.66 -4.62
CA ASP A 148 23.14 19.03 -4.53
C ASP A 148 22.40 19.75 -3.42
N GLU A 149 23.00 20.82 -2.91
CA GLU A 149 22.50 21.48 -1.72
C GLU A 149 21.07 21.99 -1.88
N LYS A 150 20.80 22.72 -2.97
CA LYS A 150 19.47 23.30 -3.20
C LYS A 150 18.38 22.20 -3.22
N SER A 151 18.62 21.15 -3.98
CA SER A 151 17.72 19.99 -4.01
C SER A 151 17.48 19.41 -2.63
N ARG A 152 18.54 19.19 -1.83
CA ARG A 152 18.41 18.43 -0.59
C ARG A 152 17.92 19.18 0.62
N VAL A 153 17.94 20.51 0.61
CA VAL A 153 17.39 21.24 1.75
C VAL A 153 15.87 21.06 1.72
N PRO A 154 15.26 20.61 2.85
CA PRO A 154 13.80 20.48 2.85
C PRO A 154 13.11 21.78 2.51
N ASP A 155 12.10 21.69 1.64
CA ASP A 155 11.35 22.84 1.17
C ASP A 155 9.88 22.63 1.55
N PRO A 156 9.33 23.43 2.49
CA PRO A 156 7.94 23.23 2.91
C PRO A 156 6.92 23.41 1.77
N GLU A 157 7.26 24.13 0.71
CA GLU A 157 6.30 24.32 -0.38
C GLU A 157 6.01 23.00 -1.10
N ARG A 158 6.92 22.02 -0.99
CA ARG A 158 6.69 20.69 -1.54
C ARG A 158 5.49 19.98 -0.92
N LEU A 159 5.10 20.35 0.29
CA LEU A 159 3.86 19.81 0.87
C LEU A 159 2.67 20.13 -0.02
N LEU A 160 2.62 21.34 -0.51
CA LEU A 160 1.49 21.73 -1.36
C LEU A 160 1.53 21.06 -2.72
N GLN A 161 2.70 20.90 -3.30
CA GLN A 161 2.81 20.23 -4.58
C GLN A 161 2.35 18.78 -4.42
N ALA A 162 2.75 18.13 -3.34
CA ALA A 162 2.29 16.76 -3.07
C ALA A 162 0.77 16.67 -2.93
N TYR A 163 0.19 17.60 -2.16
CA TYR A 163 -1.27 17.72 -2.06
C TYR A 163 -1.92 17.85 -3.44
N HIS A 164 -1.43 18.76 -4.27
CA HIS A 164 -2.03 18.97 -5.57
C HIS A 164 -1.92 17.76 -6.49
N GLN A 165 -0.80 17.02 -6.43
CA GLN A 165 -0.63 15.82 -7.23
C GLN A 165 -1.61 14.78 -6.71
N SER A 166 -1.80 14.75 -5.40
CA SER A 166 -2.72 13.75 -4.80
C SER A 166 -4.18 13.98 -5.17
N THR A 167 -4.63 15.22 -5.14
CA THR A 167 -6.02 15.47 -5.54
C THR A 167 -6.23 15.15 -7.02
N ALA A 168 -5.31 15.50 -7.91
CA ALA A 168 -5.43 15.15 -9.31
C ALA A 168 -5.45 13.65 -9.54
N SER A 169 -4.60 12.95 -8.79
CA SER A 169 -4.49 11.50 -8.92
C SER A 169 -5.72 10.80 -8.40
N LEU A 170 -6.19 11.18 -7.22
CA LEU A 170 -7.36 10.53 -6.67
C LEU A 170 -8.64 10.91 -7.44
N ASN A 171 -8.74 12.16 -7.88
CA ASN A 171 -9.90 12.52 -8.74
C ASN A 171 -9.97 11.55 -9.92
N LEU A 172 -8.85 11.31 -10.56
CA LEU A 172 -8.85 10.46 -11.76
C LEU A 172 -9.18 9.01 -11.38
N LEU A 173 -8.60 8.53 -10.28
CA LEU A 173 -8.89 7.18 -9.79
C LEU A 173 -10.35 6.98 -9.46
N ARG A 174 -10.97 7.96 -8.81
CA ARG A 174 -12.41 7.90 -8.50
C ARG A 174 -13.22 7.84 -9.79
N ALA A 175 -12.82 8.65 -10.76
CA ALA A 175 -13.47 8.67 -12.09
C ALA A 175 -13.38 7.32 -12.78
N PHE A 176 -12.22 6.67 -12.70
CA PHE A 176 -12.06 5.34 -13.29
C PHE A 176 -12.89 4.32 -12.56
N ALA A 177 -12.85 4.35 -11.23
CA ALA A 177 -13.52 3.32 -10.42
C ALA A 177 -15.03 3.37 -10.55
N GLN A 178 -15.60 4.57 -10.64
CA GLN A 178 -17.03 4.75 -10.64
C GLN A 178 -17.62 5.02 -12.02
N GLY A 179 -16.82 5.52 -12.96
CA GLY A 179 -17.31 6.09 -14.21
C GLY A 179 -17.31 5.19 -15.42
N GLY A 180 -16.94 3.91 -15.24
CA GLY A 180 -17.05 2.93 -16.30
C GLY A 180 -15.80 2.16 -16.63
N PHE A 181 -14.64 2.70 -16.26
CA PHE A 181 -13.37 2.06 -16.58
C PHE A 181 -13.27 0.70 -15.90
N ALA A 182 -13.85 0.57 -14.72
CA ALA A 182 -13.79 -0.68 -13.94
C ALA A 182 -15.04 -1.57 -14.12
N ASP A 183 -15.87 -1.25 -15.12
CA ASP A 183 -17.01 -2.11 -15.48
C ASP A 183 -16.41 -3.47 -15.88
N LEU A 184 -17.01 -4.56 -15.39
CA LEU A 184 -16.56 -5.92 -15.71
C LEU A 184 -16.55 -6.28 -17.19
N HIS A 185 -17.37 -5.59 -17.97
N HIS A 185 -17.33 -5.57 -18.00
CA HIS A 185 -17.30 -5.64 -19.43
CA HIS A 185 -17.25 -5.72 -19.45
C HIS A 185 -15.92 -5.29 -19.99
C HIS A 185 -15.87 -5.33 -19.99
N GLN A 186 -15.14 -4.51 -19.24
CA GLN A 186 -13.79 -4.06 -19.64
C GLN A 186 -12.66 -4.99 -19.23
N VAL A 187 -12.97 -6.21 -18.77
CA VAL A 187 -11.98 -7.13 -18.24
C VAL A 187 -10.76 -7.37 -19.18
N HIS A 188 -10.98 -7.44 -20.48
CA HIS A 188 -9.84 -7.65 -21.42
C HIS A 188 -8.95 -6.43 -21.49
N ARG A 189 -9.56 -5.25 -21.38
CA ARG A 189 -8.86 -3.97 -21.50
C ARG A 189 -7.90 -3.70 -20.35
N TRP A 190 -8.06 -4.39 -19.23
CA TRP A 190 -7.15 -4.22 -18.10
C TRP A 190 -5.81 -4.95 -18.30
N ASN A 191 -5.74 -5.85 -19.28
CA ASN A 191 -4.48 -6.54 -19.56
C ASN A 191 -3.57 -5.63 -20.39
N LEU A 192 -2.41 -5.30 -19.85
CA LEU A 192 -1.45 -4.45 -20.56
C LEU A 192 -0.85 -5.18 -21.79
N ASP A 193 -0.66 -4.46 -22.89
CA ASP A 193 -0.28 -5.10 -24.18
C ASP A 193 1.00 -5.97 -24.16
N PHE A 194 1.90 -5.72 -23.21
CA PHE A 194 3.15 -6.49 -23.05
C PHE A 194 2.99 -7.81 -22.27
N ILE A 195 1.83 -8.00 -21.63
CA ILE A 195 1.40 -9.34 -21.22
C ILE A 195 0.78 -10.00 -22.46
N ALA A 196 1.59 -10.82 -23.13
CA ALA A 196 1.19 -11.51 -24.36
C ALA A 196 2.24 -12.56 -24.72
N ASN A 197 1.86 -13.51 -25.58
CA ASN A 197 2.76 -14.57 -26.04
C ASN A 197 3.37 -15.39 -24.89
N SER A 198 2.56 -15.70 -23.89
CA SER A 198 2.99 -16.50 -22.74
C SER A 198 1.82 -17.26 -22.17
N ALA A 199 2.14 -18.30 -21.40
CA ALA A 199 1.14 -19.13 -20.72
C ALA A 199 0.29 -18.31 -19.73
N LEU A 200 0.95 -17.37 -19.07
CA LEU A 200 0.28 -16.47 -18.13
C LEU A 200 -0.73 -15.54 -18.82
N ALA A 201 -0.35 -15.01 -19.98
CA ALA A 201 -1.23 -14.13 -20.77
C ALA A 201 -2.46 -14.89 -21.25
N GLU A 202 -2.25 -16.13 -21.71
CA GLU A 202 -3.34 -17.02 -22.10
C GLU A 202 -4.25 -17.34 -20.94
N ARG A 203 -3.65 -17.56 -19.77
CA ARG A 203 -4.41 -17.87 -18.58
C ARG A 203 -5.35 -16.72 -18.22
N TYR A 204 -4.88 -15.47 -18.30
CA TYR A 204 -5.76 -14.33 -18.02
C TYR A 204 -6.85 -14.18 -19.05
N GLN A 205 -6.48 -14.32 -20.33
N GLN A 205 -6.52 -14.30 -20.33
CA GLN A 205 -7.43 -14.27 -21.45
CA GLN A 205 -7.54 -14.15 -21.37
C GLN A 205 -8.58 -15.24 -21.24
C GLN A 205 -8.61 -15.25 -21.25
N GLN A 206 -8.23 -16.46 -20.84
CA GLN A 206 -9.22 -17.53 -20.60
C GLN A 206 -10.13 -17.17 -19.43
N LEU A 207 -9.57 -16.59 -18.38
CA LEU A 207 -10.35 -16.16 -17.25
C LEU A 207 -11.28 -15.02 -17.63
N ALA A 208 -10.77 -14.06 -18.39
CA ALA A 208 -11.59 -12.97 -18.91
C ALA A 208 -12.74 -13.48 -19.78
N ASP A 209 -12.46 -14.46 -20.63
CA ASP A 209 -13.54 -15.12 -21.39
C ASP A 209 -14.59 -15.77 -20.50
N ARG A 210 -14.18 -16.40 -19.41
CA ARG A 210 -15.12 -16.97 -18.43
C ARG A 210 -15.97 -15.89 -17.79
N ILE A 211 -15.39 -14.73 -17.51
CA ILE A 211 -16.15 -13.58 -17.02
C ILE A 211 -17.17 -13.09 -18.05
N ASP A 212 -16.77 -13.00 -19.32
CA ASP A 212 -17.70 -12.63 -20.38
C ASP A 212 -18.90 -13.58 -20.39
N GLU A 213 -18.62 -14.87 -20.28
CA GLU A 213 -19.68 -15.88 -20.30
C GLU A 213 -20.60 -15.76 -19.07
N THR A 214 -20.01 -15.46 -17.93
CA THR A 214 -20.76 -15.17 -16.71
C THR A 214 -21.71 -14.00 -16.90
N LEU A 215 -21.20 -12.90 -17.43
CA LEU A 215 -22.01 -11.71 -17.66
C LEU A 215 -23.12 -11.95 -18.70
N ALA A 216 -22.80 -12.72 -19.75
CA ALA A 216 -23.80 -13.07 -20.75
C ALA A 216 -24.88 -13.95 -20.14
N PHE A 217 -24.48 -14.85 -19.25
CA PHE A 217 -25.47 -15.71 -18.54
C PHE A 217 -26.36 -14.85 -17.66
N MET A 218 -25.76 -13.93 -16.91
N MET A 218 -25.75 -13.93 -16.89
CA MET A 218 -26.53 -13.09 -16.01
CA MET A 218 -26.54 -13.01 -16.04
C MET A 218 -27.50 -12.17 -16.77
C MET A 218 -27.57 -12.29 -16.85
N ARG A 219 -27.11 -11.74 -17.97
CA ARG A 219 -27.98 -10.99 -18.86
C ARG A 219 -29.14 -11.87 -19.33
N ALA A 220 -28.84 -13.10 -19.72
CA ALA A 220 -29.87 -14.05 -20.20
C ALA A 220 -30.83 -14.45 -19.09
N CYS A 221 -30.36 -14.42 -17.87
CA CYS A 221 -31.19 -14.73 -16.71
C CYS A 221 -31.99 -13.54 -16.25
N GLY A 222 -31.77 -12.40 -16.86
CA GLY A 222 -32.49 -11.22 -16.47
C GLY A 222 -31.85 -10.23 -15.56
N LEU A 223 -30.61 -10.40 -15.19
CA LEU A 223 -29.89 -9.45 -14.41
C LEU A 223 -29.14 -8.58 -15.45
N ASP A 224 -27.91 -8.24 -15.13
CA ASP A 224 -27.01 -7.44 -15.95
C ASP A 224 -27.24 -5.93 -15.70
N SER A 225 -28.29 -5.69 -14.94
CA SER A 225 -28.72 -4.43 -14.46
C SER A 225 -27.88 -3.84 -13.36
N ALA A 226 -27.45 -4.75 -12.52
CA ALA A 226 -26.82 -4.47 -11.25
C ALA A 226 -25.67 -3.46 -11.35
N PRO A 227 -25.75 -2.33 -10.61
N PRO A 227 -25.75 -2.33 -10.61
CA PRO A 227 -24.63 -1.38 -10.60
CA PRO A 227 -24.63 -1.38 -10.60
C PRO A 227 -23.30 -1.96 -10.13
C PRO A 227 -23.30 -1.96 -10.13
N GLN A 228 -23.33 -3.05 -9.35
CA GLN A 228 -22.12 -3.70 -8.86
C GLN A 228 -21.26 -4.27 -9.98
N LEU A 229 -21.87 -4.54 -11.13
CA LEU A 229 -21.10 -5.03 -12.28
C LEU A 229 -20.35 -3.91 -13.03
N ARG A 230 -20.74 -2.67 -12.78
CA ARG A 230 -20.25 -1.55 -13.50
C ARG A 230 -19.25 -0.63 -12.81
N GLU A 231 -19.13 -0.81 -11.51
CA GLU A 231 -18.28 0.02 -10.70
C GLU A 231 -17.66 -0.79 -9.59
N THR A 232 -16.61 -0.23 -8.99
CA THR A 232 -16.01 -0.86 -7.87
C THR A 232 -15.51 0.18 -6.87
N SER A 233 -15.46 -0.20 -5.60
CA SER A 233 -14.86 0.65 -4.60
C SER A 233 -13.36 0.60 -4.75
N PHE A 234 -12.76 1.75 -4.53
CA PHE A 234 -11.33 1.85 -4.54
C PHE A 234 -10.94 2.80 -3.41
N PHE A 235 -9.90 2.45 -2.69
CA PHE A 235 -9.42 3.24 -1.55
C PHE A 235 -7.94 3.51 -1.71
N THR A 236 -7.43 4.49 -0.99
CA THR A 236 -6.04 4.89 -1.03
C THR A 236 -5.41 4.73 0.33
N ALA A 237 -4.08 4.57 0.27
CA ALA A 237 -3.27 4.42 1.45
C ALA A 237 -1.89 4.94 1.22
N HIS A 238 -1.25 5.38 2.30
CA HIS A 238 0.17 5.65 2.27
C HIS A 238 0.76 5.56 3.65
N GLU A 239 2.09 5.54 3.72
CA GLU A 239 2.74 5.54 5.01
C GLU A 239 2.58 6.91 5.62
N ALA A 240 2.04 6.97 6.83
CA ALA A 240 1.99 8.22 7.58
C ALA A 240 3.37 8.49 8.14
N LEU A 241 4.19 9.22 7.40
CA LEU A 241 5.57 9.47 7.79
C LEU A 241 5.86 10.92 8.10
N LEU A 242 5.40 11.83 7.24
CA LEU A 242 5.64 13.25 7.42
C LEU A 242 4.42 13.78 8.15
N LEU A 243 4.55 13.86 9.45
CA LEU A 243 3.39 14.12 10.27
C LEU A 243 2.82 15.53 10.11
N ASN A 244 3.64 16.47 9.65
CA ASN A 244 3.18 17.82 9.28
C ASN A 244 2.09 17.78 8.23
N TYR A 245 2.27 16.92 7.23
CA TYR A 245 1.29 16.73 6.16
C TYR A 245 0.02 16.08 6.72
N GLU A 246 0.21 15.04 7.52
CA GLU A 246 -0.92 14.28 8.06
C GLU A 246 -1.76 15.16 8.99
N GLU A 247 -1.09 15.93 9.86
CA GLU A 247 -1.81 16.80 10.78
C GLU A 247 -2.67 17.82 10.02
N ALA A 248 -2.11 18.44 8.99
CA ALA A 248 -2.84 19.47 8.23
C ALA A 248 -4.09 18.91 7.57
N LEU A 249 -4.01 17.64 7.19
CA LEU A 249 -5.13 16.95 6.52
C LEU A 249 -6.01 16.14 7.46
N THR A 250 -5.79 16.26 8.79
CA THR A 250 -6.63 15.63 9.77
C THR A 250 -7.77 16.55 10.12
N ARG A 251 -8.99 16.01 10.05
CA ARG A 251 -10.22 16.82 10.12
C ARG A 251 -11.27 16.09 10.93
N ARG A 252 -12.17 16.84 11.55
CA ARG A 252 -13.27 16.26 12.32
C ARG A 252 -14.44 15.91 11.45
N ASP A 253 -15.01 14.73 11.66
CA ASP A 253 -16.23 14.30 10.97
C ASP A 253 -17.35 15.27 11.37
N SER A 254 -18.05 15.78 10.36
CA SER A 254 -19.16 16.72 10.56
C SER A 254 -20.24 16.17 11.50
N LEU A 255 -20.62 14.92 11.29
CA LEU A 255 -21.70 14.30 12.03
C LEU A 255 -21.28 13.87 13.45
N THR A 256 -20.12 13.24 13.58
CA THR A 256 -19.74 12.58 14.84
C THR A 256 -18.73 13.33 15.69
N GLY A 257 -18.09 14.35 15.14
CA GLY A 257 -17.02 15.06 15.85
C GLY A 257 -15.67 14.35 15.90
N GLU A 258 -15.59 13.13 15.38
CA GLU A 258 -14.40 12.31 15.61
C GLU A 258 -13.37 12.63 14.54
N TRP A 259 -12.11 12.55 14.91
CA TRP A 259 -11.03 12.95 13.99
C TRP A 259 -10.68 11.82 13.05
N TYR A 260 -10.46 12.18 11.78
CA TYR A 260 -9.95 11.27 10.73
C TYR A 260 -8.81 11.95 10.04
N ASP A 261 -7.76 11.18 9.70
CA ASP A 261 -6.70 11.68 8.87
C ASP A 261 -7.23 11.57 7.44
N CYS A 262 -7.60 12.72 6.85
CA CYS A 262 -8.28 12.69 5.57
C CYS A 262 -7.34 12.88 4.36
N SER A 263 -6.07 12.59 4.57
CA SER A 263 -5.10 12.53 3.47
C SER A 263 -5.24 11.25 2.62
N ALA A 264 -5.88 10.23 3.19
CA ALA A 264 -6.04 8.90 2.59
C ALA A 264 -7.04 8.10 3.40
N HIS A 265 -7.57 7.03 2.83
CA HIS A 265 -8.48 6.20 3.58
C HIS A 265 -7.77 5.43 4.68
N MET A 266 -6.64 4.84 4.33
CA MET A 266 -5.84 4.00 5.23
CA MET A 266 -5.85 4.03 5.25
C MET A 266 -4.46 4.61 5.39
N LEU A 267 -3.95 4.63 6.61
CA LEU A 267 -2.57 5.09 6.84
C LEU A 267 -1.83 3.96 7.56
N TRP A 268 -0.55 3.79 7.26
CA TRP A 268 0.27 2.81 8.00
C TRP A 268 1.50 3.44 8.59
N ILE A 269 2.00 2.78 9.63
CA ILE A 269 3.28 3.14 10.25
C ILE A 269 4.37 2.19 9.77
N GLY A 270 5.49 2.78 9.34
CA GLY A 270 6.61 2.02 8.82
C GLY A 270 7.36 1.25 9.90
N ASP A 271 8.15 0.29 9.44
CA ASP A 271 8.93 -0.57 10.34
C ASP A 271 9.94 0.22 11.17
N ARG A 272 10.45 1.33 10.64
CA ARG A 272 11.44 2.17 11.35
C ARG A 272 10.84 3.24 12.25
N THR A 273 9.52 3.40 12.26
CA THR A 273 8.89 4.50 12.98
C THR A 273 7.79 4.04 13.92
N ARG A 274 7.78 2.74 14.25
CA ARG A 274 6.72 2.16 15.07
C ARG A 274 7.05 2.05 16.57
N GLN A 275 7.93 2.91 17.05
CA GLN A 275 8.33 2.94 18.48
C GLN A 275 7.05 3.20 19.27
N ILE A 276 6.79 2.40 20.29
CA ILE A 276 5.51 2.50 21.01
C ILE A 276 5.34 3.83 21.73
N ASP A 277 6.45 4.47 22.10
CA ASP A 277 6.41 5.79 22.73
C ASP A 277 6.63 6.94 21.74
N GLY A 278 6.59 6.64 20.44
CA GLY A 278 6.98 7.60 19.42
C GLY A 278 5.83 8.39 18.81
N ALA A 279 6.21 9.33 17.97
CA ALA A 279 5.27 10.28 17.37
C ALA A 279 4.26 9.64 16.42
N HIS A 280 4.71 8.65 15.66
CA HIS A 280 3.87 8.07 14.60
C HIS A 280 2.75 7.24 15.20
N VAL A 281 3.07 6.42 16.21
CA VAL A 281 2.06 5.69 16.96
C VAL A 281 1.09 6.70 17.63
N GLU A 282 1.63 7.80 18.19
CA GLU A 282 0.77 8.80 18.82
C GLU A 282 -0.20 9.43 17.82
N MET A 283 0.27 9.75 16.63
CA MET A 283 -0.63 10.34 15.65
C MET A 283 -1.81 9.41 15.31
N LEU A 284 -1.51 8.18 14.92
CA LEU A 284 -2.57 7.27 14.49
C LEU A 284 -3.46 6.76 15.61
N ARG A 285 -2.99 6.83 16.87
CA ARG A 285 -3.75 6.41 18.03
C ARG A 285 -5.14 7.04 18.07
N GLY A 286 -5.22 8.29 17.62
CA GLY A 286 -6.40 9.07 17.82
C GLY A 286 -7.19 9.39 16.59
N VAL A 287 -6.88 8.77 15.45
CA VAL A 287 -7.73 8.95 14.26
C VAL A 287 -8.63 7.75 14.04
N GLY A 288 -9.73 7.96 13.33
CA GLY A 288 -10.71 6.92 13.13
C GLY A 288 -10.51 6.02 11.92
N ASN A 289 -9.49 6.30 11.12
CA ASN A 289 -9.22 5.49 9.92
C ASN A 289 -8.91 4.03 10.27
N PRO A 290 -9.17 3.10 9.32
CA PRO A 290 -8.40 1.84 9.40
C PRO A 290 -6.91 2.14 9.21
N ILE A 291 -6.08 1.41 9.94
CA ILE A 291 -4.64 1.69 9.95
C ILE A 291 -3.85 0.41 9.86
N GLY A 292 -2.59 0.56 9.47
CA GLY A 292 -1.68 -0.57 9.39
C GLY A 292 -0.39 -0.32 10.11
N VAL A 293 0.31 -1.42 10.42
CA VAL A 293 1.68 -1.35 10.98
C VAL A 293 2.55 -2.39 10.26
N LYS A 294 3.73 -1.95 9.84
CA LYS A 294 4.72 -2.85 9.24
C LYS A 294 5.40 -3.62 10.36
N VAL A 295 5.46 -4.93 10.19
CA VAL A 295 5.96 -5.85 11.22
C VAL A 295 7.10 -6.64 10.58
N GLY A 296 8.32 -6.26 10.96
CA GLY A 296 9.54 -6.85 10.46
C GLY A 296 10.13 -7.80 11.47
N PRO A 297 11.31 -8.35 11.14
CA PRO A 297 11.99 -9.34 12.01
C PRO A 297 12.33 -8.90 13.42
N SER A 298 12.45 -7.59 13.66
CA SER A 298 12.80 -7.06 14.96
C SER A 298 11.63 -7.10 15.96
N MET A 299 10.40 -7.27 15.46
CA MET A 299 9.22 -7.34 16.34
C MET A 299 9.13 -8.62 17.16
N ASP A 300 9.07 -8.50 18.48
CA ASP A 300 8.73 -9.66 19.31
C ASP A 300 7.26 -9.64 19.72
N SER A 301 6.78 -10.74 20.27
CA SER A 301 5.35 -10.93 20.53
C SER A 301 4.81 -10.03 21.67
N GLU A 302 5.64 -9.81 22.69
CA GLU A 302 5.30 -8.91 23.82
C GLU A 302 5.06 -7.48 23.33
N GLU A 303 6.00 -6.93 22.57
N GLU A 303 6.01 -6.94 22.57
CA GLU A 303 5.86 -5.56 22.10
CA GLU A 303 5.90 -5.59 22.02
C GLU A 303 4.77 -5.39 21.02
C GLU A 303 4.71 -5.44 21.10
N LEU A 304 4.46 -6.45 20.27
CA LEU A 304 3.34 -6.43 19.33
C LEU A 304 2.02 -6.22 20.07
N ILE A 305 1.79 -7.00 21.12
CA ILE A 305 0.58 -6.87 21.92
C ILE A 305 0.45 -5.48 22.54
N ARG A 306 1.56 -4.93 23.02
CA ARG A 306 1.55 -3.60 23.61
C ARG A 306 1.17 -2.56 22.55
N LEU A 307 1.73 -2.69 21.35
CA LEU A 307 1.33 -1.83 20.21
C LEU A 307 -0.17 -1.94 19.89
N ILE A 308 -0.69 -3.18 19.86
CA ILE A 308 -2.11 -3.39 19.55
C ILE A 308 -3.00 -2.74 20.63
N ASP A 309 -2.58 -2.83 21.90
CA ASP A 309 -3.31 -2.17 23.01
C ASP A 309 -3.45 -0.65 22.79
N ILE A 310 -2.42 -0.01 22.23
CA ILE A 310 -2.45 1.41 21.96
C ILE A 310 -3.28 1.71 20.72
N LEU A 311 -3.05 0.95 19.65
CA LEU A 311 -3.65 1.25 18.34
C LEU A 311 -5.04 0.69 18.13
N ASN A 312 -5.43 -0.30 18.94
CA ASN A 312 -6.77 -0.88 18.87
C ASN A 312 -7.29 -1.29 20.26
N PRO A 313 -7.41 -0.31 21.18
CA PRO A 313 -7.82 -0.64 22.56
C PRO A 313 -9.17 -1.32 22.67
N ASP A 314 -10.11 -1.00 21.76
CA ASP A 314 -11.42 -1.64 21.75
C ASP A 314 -11.47 -2.96 21.00
N ASN A 315 -10.35 -3.41 20.44
CA ASN A 315 -10.28 -4.66 19.70
C ASN A 315 -11.33 -4.75 18.59
N ASP A 316 -11.50 -3.64 17.89
CA ASP A 316 -12.40 -3.56 16.76
C ASP A 316 -11.80 -4.35 15.57
N PRO A 317 -12.59 -5.27 14.94
CA PRO A 317 -12.04 -6.11 13.88
C PRO A 317 -11.72 -5.44 12.54
N GLY A 318 -12.13 -4.19 12.34
CA GLY A 318 -11.82 -3.46 11.11
C GLY A 318 -10.75 -2.41 11.25
N ARG A 319 -10.13 -2.32 12.42
CA ARG A 319 -9.23 -1.21 12.75
C ARG A 319 -7.80 -1.40 12.26
N LEU A 320 -7.25 -2.61 12.41
CA LEU A 320 -5.80 -2.79 12.39
C LEU A 320 -5.34 -3.88 11.45
N ASN A 321 -4.45 -3.49 10.54
CA ASN A 321 -3.82 -4.38 9.59
C ASN A 321 -2.36 -4.57 9.99
N LEU A 322 -1.97 -5.81 10.30
CA LEU A 322 -0.57 -6.13 10.56
C LEU A 322 0.06 -6.60 9.26
N ILE A 323 1.03 -5.82 8.78
CA ILE A 323 1.62 -6.02 7.45
C ILE A 323 2.99 -6.66 7.67
N VAL A 324 3.05 -7.97 7.48
CA VAL A 324 4.23 -8.74 7.87
C VAL A 324 5.25 -8.76 6.74
N ARG A 325 6.47 -8.30 7.04
CA ARG A 325 7.57 -8.25 6.06
C ARG A 325 8.84 -8.79 6.71
N MET A 326 9.04 -10.09 6.58
CA MET A 326 10.10 -10.79 7.31
C MET A 326 11.27 -11.19 6.46
N GLY A 327 11.05 -11.43 5.18
CA GLY A 327 12.03 -12.05 4.31
C GLY A 327 11.74 -13.54 4.19
N ALA A 328 12.03 -14.11 3.03
CA ALA A 328 11.68 -15.50 2.73
C ALA A 328 12.40 -16.47 3.68
N ASP A 329 13.56 -16.07 4.16
CA ASP A 329 14.34 -16.87 5.15
C ASP A 329 13.83 -16.84 6.60
N LYS A 330 13.04 -15.83 6.98
CA LYS A 330 12.69 -15.56 8.38
C LYS A 330 11.22 -15.68 8.72
N VAL A 331 10.34 -15.67 7.72
CA VAL A 331 8.91 -15.68 7.98
C VAL A 331 8.48 -16.92 8.76
N GLY A 332 9.01 -18.09 8.38
CA GLY A 332 8.72 -19.35 9.09
C GLY A 332 9.19 -19.39 10.53
N ASP A 333 10.33 -18.77 10.81
CA ASP A 333 10.88 -18.71 12.18
C ASP A 333 10.24 -17.64 13.06
N HIS A 334 9.78 -16.54 12.47
CA HIS A 334 9.32 -15.38 13.24
C HIS A 334 7.81 -15.20 13.35
N LEU A 335 7.06 -15.56 12.29
CA LEU A 335 5.61 -15.27 12.28
C LEU A 335 4.77 -16.11 13.26
N PRO A 336 5.06 -17.44 13.35
CA PRO A 336 4.22 -18.26 14.23
C PRO A 336 4.06 -17.75 15.66
N ARG A 337 5.15 -17.27 16.26
CA ARG A 337 5.13 -16.77 17.65
C ARG A 337 4.24 -15.52 17.77
N LEU A 338 4.25 -14.67 16.73
CA LEU A 338 3.37 -13.50 16.73
C LEU A 338 1.90 -13.89 16.61
N ILE A 339 1.57 -14.80 15.71
CA ILE A 339 0.17 -15.26 15.57
C ILE A 339 -0.33 -15.88 16.89
N GLN A 340 0.52 -16.71 17.50
CA GLN A 340 0.15 -17.40 18.74
C GLN A 340 -0.22 -16.42 19.86
N ALA A 341 0.53 -15.33 19.93
CA ALA A 341 0.27 -14.26 20.91
C ALA A 341 -1.06 -13.57 20.66
N ILE A 342 -1.33 -13.25 19.39
CA ILE A 342 -2.60 -12.64 19.00
C ILE A 342 -3.78 -13.59 19.33
N GLN A 343 -3.63 -14.88 19.03
N GLN A 343 -3.63 -14.88 19.02
CA GLN A 343 -4.68 -15.88 19.31
CA GLN A 343 -4.68 -15.88 19.29
C GLN A 343 -4.90 -16.01 20.82
C GLN A 343 -4.90 -16.05 20.80
N ARG A 344 -3.80 -16.14 21.55
CA ARG A 344 -3.84 -16.23 23.04
C ARG A 344 -4.55 -15.05 23.69
N GLU A 345 -4.31 -13.85 23.17
CA GLU A 345 -4.88 -12.63 23.75
C GLU A 345 -6.20 -12.22 23.08
N GLY A 346 -6.70 -13.02 22.15
CA GLY A 346 -8.03 -12.80 21.55
C GLY A 346 -8.16 -11.55 20.70
N ARG A 347 -7.08 -11.17 20.03
CA ARG A 347 -7.06 -9.91 19.27
C ARG A 347 -7.54 -10.11 17.85
N GLN A 348 -8.25 -9.11 17.35
CA GLN A 348 -8.84 -9.14 16.03
C GLN A 348 -7.94 -8.29 15.14
N VAL A 349 -7.23 -8.93 14.23
CA VAL A 349 -6.34 -8.21 13.33
C VAL A 349 -6.46 -8.77 11.92
N LEU A 350 -6.15 -7.92 10.94
CA LEU A 350 -6.07 -8.30 9.55
C LEU A 350 -4.59 -8.55 9.24
N TRP A 351 -4.22 -9.80 8.96
CA TRP A 351 -2.87 -10.15 8.62
C TRP A 351 -2.63 -10.08 7.13
N SER A 352 -1.67 -9.24 6.73
CA SER A 352 -1.19 -9.16 5.34
CA SER A 352 -1.23 -9.27 5.34
C SER A 352 0.29 -9.50 5.22
N SER A 353 0.68 -9.98 4.05
CA SER A 353 2.08 -10.16 3.67
C SER A 353 2.54 -9.00 2.80
N ASP A 354 3.59 -8.29 3.25
CA ASP A 354 4.43 -7.49 2.39
C ASP A 354 5.67 -8.36 2.08
N PRO A 355 5.66 -9.04 0.93
CA PRO A 355 6.78 -9.97 0.63
C PRO A 355 7.95 -9.27 -0.06
N MET A 356 7.97 -7.95 -0.08
CA MET A 356 9.00 -7.20 -0.74
C MET A 356 10.02 -6.59 0.18
N HIS A 357 9.61 -5.90 1.26
CA HIS A 357 10.56 -5.10 2.00
C HIS A 357 11.53 -5.90 2.88
N GLY A 358 11.22 -7.15 3.14
CA GLY A 358 12.17 -8.06 3.81
C GLY A 358 13.06 -8.83 2.88
N ASN A 359 12.91 -8.63 1.56
CA ASN A 359 13.65 -9.39 0.54
C ASN A 359 14.48 -8.52 -0.39
N THR A 360 15.03 -7.43 0.15
CA THR A 360 15.88 -6.56 -0.63
C THR A 360 17.33 -6.81 -0.22
N ILE A 361 18.20 -6.93 -1.21
CA ILE A 361 19.64 -7.02 -0.98
C ILE A 361 20.25 -5.70 -1.43
N LYS A 362 21.04 -5.10 -0.56
CA LYS A 362 21.73 -3.86 -0.87
C LYS A 362 23.20 -4.19 -0.96
N ALA A 363 23.78 -4.06 -2.15
CA ALA A 363 25.24 -4.23 -2.33
C ALA A 363 26.02 -3.09 -1.66
N SER A 364 27.34 -3.27 -1.50
CA SER A 364 28.23 -2.21 -0.94
C SER A 364 28.06 -0.92 -1.74
N SER A 365 27.89 -1.06 -3.04
CA SER A 365 27.64 0.09 -3.87
C SER A 365 26.34 0.82 -3.56
N GLY A 366 25.39 0.16 -2.91
CA GLY A 366 24.11 0.81 -2.63
C GLY A 366 23.00 0.28 -3.53
N TYR A 367 23.38 -0.42 -4.61
CA TYR A 367 22.45 -0.93 -5.61
C TYR A 367 21.60 -2.00 -4.98
N LYS A 368 20.28 -1.86 -5.13
CA LYS A 368 19.31 -2.76 -4.52
C LYS A 368 18.79 -3.76 -5.53
N THR A 369 18.66 -5.01 -5.09
CA THR A 369 18.06 -6.07 -5.89
C THR A 369 16.98 -6.77 -5.08
N ARG A 370 15.95 -7.21 -5.77
CA ARG A 370 14.87 -8.01 -5.20
C ARG A 370 14.63 -9.16 -6.14
N ASP A 371 14.72 -10.37 -5.59
CA ASP A 371 14.50 -11.58 -6.37
C ASP A 371 13.03 -11.98 -6.25
N PHE A 372 12.35 -11.97 -7.40
CA PHE A 372 10.94 -12.36 -7.43
C PHE A 372 10.70 -13.75 -6.87
N ALA A 373 11.66 -14.67 -7.00
CA ALA A 373 11.48 -15.97 -6.41
C ALA A 373 11.44 -15.90 -4.90
N ARG A 374 12.22 -15.00 -4.28
CA ARG A 374 12.16 -14.82 -2.84
C ARG A 374 10.82 -14.20 -2.42
N VAL A 375 10.33 -13.29 -3.26
CA VAL A 375 9.00 -12.68 -3.06
C VAL A 375 7.94 -13.75 -2.99
N LEU A 376 7.90 -14.63 -3.99
CA LEU A 376 6.93 -15.72 -4.04
C LEU A 376 7.11 -16.71 -2.89
N ALA A 377 8.36 -17.00 -2.54
CA ALA A 377 8.63 -17.88 -1.42
C ALA A 377 8.08 -17.33 -0.11
N GLU A 378 8.24 -16.03 0.13
CA GLU A 378 7.71 -15.45 1.37
C GLU A 378 6.18 -15.53 1.39
N VAL A 379 5.54 -15.23 0.26
CA VAL A 379 4.08 -15.33 0.17
C VAL A 379 3.61 -16.76 0.44
N ARG A 380 4.22 -17.73 -0.24
CA ARG A 380 3.87 -19.14 0.00
C ARG A 380 4.00 -19.51 1.48
N GLN A 381 5.12 -19.15 2.10
CA GLN A 381 5.33 -19.45 3.52
C GLN A 381 4.37 -18.71 4.46
N PHE A 382 4.01 -17.47 4.12
CA PHE A 382 3.03 -16.75 4.90
C PHE A 382 1.69 -17.48 4.96
N PHE A 383 1.20 -17.94 3.82
CA PHE A 383 -0.02 -18.75 3.79
C PHE A 383 0.17 -20.06 4.56
N GLU A 384 1.33 -20.70 4.35
CA GLU A 384 1.65 -21.94 5.11
C GLU A 384 1.61 -21.75 6.62
N VAL A 385 2.16 -20.65 7.12
CA VAL A 385 2.22 -20.39 8.55
C VAL A 385 0.81 -20.19 9.09
N HIS A 386 0.01 -19.39 8.39
CA HIS A 386 -1.38 -19.23 8.80
C HIS A 386 -2.16 -20.54 8.80
N GLN A 387 -1.98 -21.35 7.77
CA GLN A 387 -2.62 -22.66 7.68
C GLN A 387 -2.27 -23.51 8.93
N ALA A 388 -0.99 -23.54 9.29
CA ALA A 388 -0.52 -24.31 10.44
C ALA A 388 -1.07 -23.80 11.76
N GLU A 389 -1.25 -22.47 11.88
CA GLU A 389 -1.69 -21.86 13.12
C GLU A 389 -3.21 -21.72 13.28
N GLY A 390 -3.98 -22.01 12.23
CA GLY A 390 -5.43 -21.87 12.27
C GLY A 390 -5.93 -20.42 12.16
N SER A 391 -5.05 -19.52 11.72
CA SER A 391 -5.38 -18.11 11.55
C SER A 391 -5.63 -17.84 10.06
N TYR A 392 -6.00 -16.60 9.73
CA TYR A 392 -6.37 -16.27 8.35
C TYR A 392 -5.34 -15.38 7.64
N ALA A 393 -4.83 -15.86 6.50
CA ALA A 393 -3.91 -15.09 5.66
C ALA A 393 -4.81 -14.13 4.86
N GLY A 394 -4.85 -12.87 5.31
CA GLY A 394 -5.91 -11.95 4.89
C GLY A 394 -5.59 -10.95 3.79
N GLY A 395 -4.33 -10.78 3.46
CA GLY A 395 -4.00 -9.81 2.40
C GLY A 395 -2.59 -9.83 1.88
N ILE A 396 -2.39 -9.07 0.81
CA ILE A 396 -1.10 -8.92 0.14
C ILE A 396 -0.83 -7.43 0.00
N HIS A 397 0.42 -7.02 0.20
CA HIS A 397 0.83 -5.60 0.18
C HIS A 397 2.08 -5.52 -0.69
N ILE A 398 1.94 -5.00 -1.90
CA ILE A 398 3.05 -4.99 -2.87
C ILE A 398 3.35 -3.63 -3.47
N GLU A 399 4.56 -3.50 -3.96
CA GLU A 399 5.00 -2.37 -4.74
C GLU A 399 5.00 -2.88 -6.19
N MET A 400 4.27 -2.21 -7.06
CA MET A 400 4.16 -2.62 -8.45
C MET A 400 4.01 -1.43 -9.37
N THR A 401 4.09 -1.71 -10.65
CA THR A 401 4.00 -0.70 -11.70
C THR A 401 3.31 -1.29 -12.91
N GLY A 402 2.60 -0.44 -13.63
CA GLY A 402 2.11 -0.73 -14.97
C GLY A 402 3.08 -0.42 -16.11
N GLN A 403 4.28 0.07 -15.81
CA GLN A 403 5.29 0.37 -16.84
C GLN A 403 5.91 -0.89 -17.41
N ASN A 404 6.32 -0.86 -18.70
CA ASN A 404 6.89 -2.04 -19.35
C ASN A 404 8.38 -2.19 -18.99
N VAL A 405 8.62 -2.60 -17.75
CA VAL A 405 9.96 -2.73 -17.21
C VAL A 405 10.06 -4.03 -16.47
N THR A 406 11.28 -4.43 -16.15
CA THR A 406 11.51 -5.52 -15.20
C THR A 406 12.54 -5.04 -14.20
N GLU A 407 12.11 -4.87 -12.94
CA GLU A 407 12.97 -4.36 -11.88
C GLU A 407 13.40 -5.44 -10.89
N CYS A 408 12.56 -6.45 -10.65
CA CYS A 408 12.90 -7.55 -9.78
C CYS A 408 13.45 -8.70 -10.63
N ILE A 409 14.58 -9.29 -10.21
CA ILE A 409 15.16 -10.47 -10.88
C ILE A 409 14.35 -11.74 -10.62
N GLY A 410 14.68 -12.84 -11.25
CA GLY A 410 14.00 -14.11 -10.99
C GLY A 410 12.64 -14.23 -11.57
N GLY A 411 12.32 -13.31 -12.45
CA GLY A 411 11.05 -13.30 -13.13
C GLY A 411 11.19 -14.24 -14.32
N SER A 412 10.17 -14.33 -15.15
CA SER A 412 10.28 -15.22 -16.30
C SER A 412 11.42 -14.71 -17.14
N ARG A 413 11.49 -13.41 -17.33
CA ARG A 413 12.51 -12.81 -18.16
C ARG A 413 13.46 -11.91 -17.38
N PRO A 414 14.65 -11.57 -18.01
CA PRO A 414 15.63 -10.79 -17.22
C PRO A 414 15.27 -9.37 -16.97
N ILE A 415 15.94 -8.72 -16.04
CA ILE A 415 15.66 -7.32 -15.71
C ILE A 415 16.01 -6.42 -16.85
N THR A 416 15.31 -5.30 -16.87
CA THR A 416 15.56 -4.30 -17.85
C THR A 416 16.37 -3.39 -16.99
N GLU A 417 17.18 -2.53 -17.59
CA GLU A 417 17.98 -1.62 -16.80
C GLU A 417 17.82 -0.25 -17.38
N ASP A 418 16.57 0.16 -17.46
CA ASP A 418 16.23 1.46 -17.98
C ASP A 418 16.54 2.52 -16.96
N GLY A 419 16.92 3.70 -17.41
CA GLY A 419 17.27 4.78 -16.50
C GLY A 419 16.11 5.18 -15.61
N LEU A 420 14.91 5.04 -16.13
CA LEU A 420 13.75 5.38 -15.37
C LEU A 420 13.60 4.46 -14.18
N SER A 421 14.26 3.32 -14.24
CA SER A 421 14.24 2.36 -13.15
C SER A 421 15.43 2.51 -12.17
N ASP A 422 16.41 3.31 -12.52
CA ASP A 422 17.59 3.55 -11.64
C ASP A 422 17.19 4.00 -10.21
N ARG A 423 16.23 4.93 -10.14
N ARG A 423 16.22 4.90 -10.14
CA ARG A 423 15.55 5.34 -8.89
CA ARG A 423 15.66 5.34 -8.86
C ARG A 423 15.16 4.13 -8.04
C ARG A 423 15.11 4.15 -8.03
N TYR A 424 14.68 3.09 -8.69
CA TYR A 424 14.13 1.90 -8.03
C TYR A 424 15.18 0.84 -7.71
N HIS A 425 16.45 1.16 -7.93
CA HIS A 425 17.56 0.36 -7.39
C HIS A 425 18.46 1.13 -6.44
N THR A 426 18.12 2.39 -6.15
CA THR A 426 18.93 3.23 -5.27
C THR A 426 18.07 3.86 -4.18
N HIS A 427 17.37 4.94 -4.50
CA HIS A 427 16.56 5.64 -3.53
C HIS A 427 15.27 4.89 -3.19
N CYS A 428 14.62 4.35 -4.22
N CYS A 428 14.62 4.35 -4.21
CA CYS A 428 13.43 3.52 -4.04
CA CYS A 428 13.44 3.51 -4.04
C CYS A 428 13.85 2.08 -4.27
C CYS A 428 13.87 2.07 -4.23
N ASP A 429 12.90 1.16 -4.25
CA ASP A 429 13.14 -0.27 -4.29
C ASP A 429 12.50 -0.88 -5.53
N PRO A 430 12.94 -2.10 -5.91
CA PRO A 430 12.40 -2.66 -7.14
C PRO A 430 10.94 -3.10 -7.04
N ARG A 431 10.15 -2.67 -8.01
CA ARG A 431 8.72 -2.96 -8.05
C ARG A 431 8.40 -4.19 -8.87
N LEU A 432 7.30 -4.85 -8.56
CA LEU A 432 6.78 -5.89 -9.46
C LEU A 432 6.21 -5.28 -10.72
N ASN A 433 6.42 -5.95 -11.87
CA ASN A 433 5.78 -5.55 -13.10
C ASN A 433 4.46 -6.29 -13.25
N ALA A 434 3.78 -6.06 -14.36
CA ALA A 434 2.44 -6.61 -14.56
C ALA A 434 2.45 -8.13 -14.62
N ASP A 435 3.45 -8.71 -15.30
CA ASP A 435 3.58 -10.17 -15.38
C ASP A 435 3.76 -10.81 -14.03
N GLN A 436 4.65 -10.24 -13.22
CA GLN A 436 4.90 -10.72 -11.88
C GLN A 436 3.67 -10.58 -10.99
N SER A 437 3.04 -9.42 -11.08
CA SER A 437 1.79 -9.16 -10.32
C SER A 437 0.68 -10.16 -10.68
N LEU A 438 0.53 -10.46 -11.98
CA LEU A 438 -0.47 -11.42 -12.42
C LEU A 438 -0.13 -12.85 -11.95
N GLU A 439 1.14 -13.22 -12.04
CA GLU A 439 1.56 -14.53 -11.55
C GLU A 439 1.26 -14.65 -10.06
N LEU A 440 1.56 -13.61 -9.30
CA LEU A 440 1.26 -13.58 -7.89
C LEU A 440 -0.27 -13.71 -7.65
N ALA A 441 -1.08 -13.01 -8.44
CA ALA A 441 -2.52 -13.06 -8.27
C ALA A 441 -3.04 -14.48 -8.47
N PHE A 442 -2.54 -15.16 -9.49
CA PHE A 442 -2.95 -16.55 -9.72
C PHE A 442 -2.53 -17.45 -8.57
N LEU A 443 -1.33 -17.27 -8.03
CA LEU A 443 -0.87 -18.04 -6.87
C LEU A 443 -1.79 -17.84 -5.69
N ILE A 444 -2.12 -16.58 -5.41
CA ILE A 444 -2.99 -16.29 -4.31
C ILE A 444 -4.38 -16.87 -4.55
N ALA A 445 -4.92 -16.71 -5.76
CA ALA A 445 -6.27 -17.21 -6.06
C ALA A 445 -6.36 -18.73 -5.83
N GLU A 446 -5.35 -19.46 -6.28
CA GLU A 446 -5.32 -20.92 -6.06
C GLU A 446 -5.26 -21.25 -4.56
N THR A 447 -4.44 -20.50 -3.84
CA THR A 447 -4.27 -20.71 -2.42
C THR A 447 -5.58 -20.41 -1.69
N LEU A 448 -6.24 -19.31 -2.05
CA LEU A 448 -7.50 -18.93 -1.42
C LEU A 448 -8.59 -19.94 -1.70
N LYS A 449 -8.64 -20.42 -2.93
CA LYS A 449 -9.64 -21.42 -3.32
C LYS A 449 -9.46 -22.68 -2.47
N GLN A 450 -8.21 -23.09 -2.24
CA GLN A 450 -7.92 -24.28 -1.42
C GLN A 450 -8.29 -24.04 0.06
N VAL A 451 -8.10 -22.82 0.56
CA VAL A 451 -8.51 -22.45 1.92
C VAL A 451 -10.04 -22.53 2.07
N ARG A 452 -10.76 -22.11 1.04
CA ARG A 452 -12.23 -22.05 1.04
C ARG A 452 -12.90 -23.36 0.58
N ARG A 453 -12.12 -24.37 0.23
CA ARG A 453 -12.61 -25.58 -0.48
C ARG A 453 -13.59 -26.40 0.34
C1 PEP B . 7.29 0.94 2.45
O1 PEP B . 6.30 0.17 2.50
O2' PEP B . 7.37 1.83 1.59
C2 PEP B . 8.41 0.75 3.40
C3 PEP B . 9.41 1.63 3.54
O2 PEP B . 8.33 -0.47 4.16
P PEP B . 8.91 -0.71 5.66
O1P PEP B . 8.15 -1.97 5.94
O2P PEP B . 8.56 0.42 6.57
O3P PEP B . 10.39 -0.96 5.44
N TRP C . -18.17 -4.28 -7.82
CA TRP C . -17.77 -5.70 -7.66
C TRP C . -16.59 -5.87 -6.73
O TRP C . -16.26 -6.98 -6.37
CB TRP C . -17.44 -6.32 -9.01
CG TRP C . -16.36 -5.63 -9.77
CD1 TRP C . -16.51 -4.59 -10.63
CD2 TRP C . -14.98 -5.98 -9.78
NE1 TRP C . -15.29 -4.27 -11.18
CE2 TRP C . -14.33 -5.08 -10.66
CE3 TRP C . -14.23 -6.95 -9.13
CZ2 TRP C . -12.96 -5.14 -10.91
CZ3 TRP C . -12.84 -7.01 -9.37
CH2 TRP C . -12.24 -6.12 -10.27
OXT TRP C . -15.92 -4.88 -6.37
P PO4 D . 17.71 3.03 2.09
O1 PO4 D . 16.35 2.35 2.01
O2 PO4 D . 18.65 2.11 2.84
O3 PO4 D . 17.63 4.32 2.85
O4 PO4 D . 18.19 3.28 0.68
P PO4 E . 13.22 30.92 3.73
O1 PO4 E . 11.76 30.70 3.40
O2 PO4 E . 13.31 31.95 4.85
O3 PO4 E . 13.81 29.60 4.20
O4 PO4 E . 13.94 31.39 2.50
CO CO F . 9.62 0.23 -1.16
CL CL G . 13.72 -18.51 -2.82
CL CL H . -12.45 19.49 6.14
#